data_3FUE
#
_entry.id   3FUE
#
_cell.length_a   78.084
_cell.length_b   86.936
_cell.length_c   99.111
_cell.angle_alpha   90.00
_cell.angle_beta   90.00
_cell.angle_gamma   90.00
#
_symmetry.space_group_name_H-M   'P 21 21 21'
#
loop_
_entity.id
_entity.type
_entity.pdbx_description
1 polymer 'Leukotriene A-4 hydrolase'
2 non-polymer 'ZINC ION'
3 non-polymer 'YTTERBIUM (III) ION'
4 non-polymer 5-chloro-1H-indole
5 non-polymer '2-(3-AMINO-2-HYDROXY-4-PHENYL-BUTYRYLAMINO)-4-METHYL-PENTANOIC ACID'
6 non-polymer IMIDAZOLE
7 water water
#
_entity_poly.entity_id   1
_entity_poly.type   'polypeptide(L)'
_entity_poly.pdbx_seq_one_letter_code
;MPEIVDTCSLASPASVCRTKHLHLRCSVDFTRRTLTGTAALTVQSQEDNLRSLVLDTKDLTIEKVVINGQEVKYALGERQ
SYKGSPMEISLPIALSKNQEIVIEISFETSPKSSALQWLTPEQTSGKEHPYLFSQCQAIHCRAILPCQDTPSVKLTYTAE
VSVPKELVALMSAIRDGETPDPEDPSRKIYKFIQKVPIPCYLIALVVGALESRQIGPRTLVWSEKEQVEKSAYEFSETES
MLKIAEDLGGPYVWGQYDLLVLPPSFPYGGMENPCLTFVTPTLLAGDKSLSNVIAHEISHSWTGNLVTNKTWDHFWLNEG
HTVYLERHICGRLFGEKFRHFNALGGWGELQNSVKTFGETHPFTKLVVDLTDIDPDVAYSSVPYEKGFALLFYLEQLLGG
PEIFLGFLKAYVEKFSYKSITTDDWKDFLYSYFKDKVDVLNQVDWNAWLYSPGLPPIKPNYDMTLTNACIALSQRWITAK
EDDLNSFNATDLKDLSSHQLNEFLAQTLQRAPLPLGHIKRMQEVYNFNAINNSEIRFRWLRLCIQSKWEDAIPLALKMAT
EQGRMKFTRPLFKDLAAFDKSHDQAVRTYQEHKASMHPVTAMLVGKDLKVD
;
_entity_poly.pdbx_strand_id   A
#
loop_
_chem_comp.id
_chem_comp.type
_chem_comp.name
_chem_comp.formula
11S non-polymer 5-chloro-1H-indole 'C8 H6 Cl N'
BES non-polymer '2-(3-AMINO-2-HYDROXY-4-PHENYL-BUTYRYLAMINO)-4-METHYL-PENTANOIC ACID' 'C16 H24 N2 O4'
IMD non-polymer IMIDAZOLE 'C3 H5 N2 1'
YB non-polymer 'YTTERBIUM (III) ION' 'Yb 3'
ZN non-polymer 'ZINC ION' 'Zn 2'
#
# COMPACT_ATOMS: atom_id res chain seq x y z
N VAL A 5 -14.42 17.70 -5.37
CA VAL A 5 -15.20 16.57 -6.07
C VAL A 5 -14.39 15.26 -6.20
N ASP A 6 -14.90 14.18 -5.58
CA ASP A 6 -14.15 12.91 -5.65
C ASP A 6 -14.65 12.07 -6.84
N THR A 7 -13.84 12.03 -7.90
CA THR A 7 -14.32 11.45 -9.14
C THR A 7 -14.26 9.91 -9.17
N CYS A 8 -13.64 9.32 -8.15
CA CYS A 8 -13.66 7.88 -7.98
C CYS A 8 -14.84 7.40 -7.11
N SER A 9 -15.63 8.32 -6.59
CA SER A 9 -16.76 7.91 -5.72
C SER A 9 -18.12 8.30 -6.26
N LEU A 10 -19.11 7.46 -6.02
CA LEU A 10 -20.46 7.76 -6.53
C LEU A 10 -21.32 8.26 -5.39
N ALA A 11 -20.72 8.37 -4.20
CA ALA A 11 -21.48 8.73 -3.00
C ALA A 11 -21.83 10.24 -3.00
N SER A 12 -22.79 10.69 -2.19
CA SER A 12 -23.00 12.11 -1.95
C SER A 12 -21.69 12.63 -1.42
N PRO A 13 -21.20 13.77 -1.92
CA PRO A 13 -19.92 14.31 -1.44
C PRO A 13 -20.05 15.00 -0.07
N ALA A 14 -18.90 15.28 0.54
CA ALA A 14 -18.80 15.78 1.88
C ALA A 14 -19.52 17.11 2.02
N SER A 15 -19.72 17.84 0.94
CA SER A 15 -20.49 19.10 1.03
C SER A 15 -22.00 18.85 1.32
N VAL A 16 -22.44 17.61 1.17
CA VAL A 16 -23.86 17.27 1.24
C VAL A 16 -24.16 16.58 2.55
N CYS A 17 -23.39 15.54 2.85
CA CYS A 17 -23.50 14.87 4.17
C CYS A 17 -22.18 14.23 4.46
N ARG A 18 -21.85 14.02 5.73
CA ARG A 18 -20.67 13.26 6.01
C ARG A 18 -20.94 12.25 7.09
N THR A 19 -20.35 11.08 6.92
CA THR A 19 -20.39 10.03 7.92
C THR A 19 -19.46 10.38 9.08
N LYS A 20 -19.96 10.30 10.31
CA LYS A 20 -19.17 10.61 11.50
C LYS A 20 -18.76 9.29 12.18
N HIS A 21 -19.56 8.25 12.04
CA HIS A 21 -19.29 6.99 12.76
C HIS A 21 -19.89 5.80 12.04
N LEU A 22 -19.19 4.67 12.16
CA LEU A 22 -19.67 3.40 11.65
C LEU A 22 -19.66 2.42 12.80
N HIS A 23 -20.81 1.82 13.06
CA HIS A 23 -20.83 0.66 13.93
C HIS A 23 -21.10 -0.57 13.09
N LEU A 24 -20.10 -1.44 12.99
CA LEU A 24 -20.18 -2.61 12.13
C LEU A 24 -20.45 -3.83 12.98
N ARG A 25 -21.56 -4.52 12.70
CA ARG A 25 -21.82 -5.84 13.29
C ARG A 25 -21.92 -6.83 12.16
N CYS A 26 -21.01 -7.79 12.11
CA CYS A 26 -21.04 -8.74 10.99
C CYS A 26 -20.49 -10.08 11.39
N SER A 27 -20.73 -11.06 10.52
CA SER A 27 -20.37 -12.43 10.80
C SER A 27 -19.63 -12.91 9.58
N VAL A 28 -18.50 -13.59 9.80
CA VAL A 28 -17.65 -14.07 8.71
C VAL A 28 -18.08 -15.50 8.45
N ASP A 29 -18.48 -15.81 7.21
CA ASP A 29 -18.91 -17.17 6.90
C ASP A 29 -17.92 -17.83 5.91
N PHE A 30 -17.08 -18.73 6.37
CA PHE A 30 -16.06 -19.28 5.47
C PHE A 30 -16.66 -20.25 4.42
N THR A 31 -17.79 -20.88 4.76
CA THR A 31 -18.42 -21.84 3.85
C THR A 31 -18.96 -21.14 2.62
N ARG A 32 -19.52 -19.94 2.84
CA ARG A 32 -20.15 -19.19 1.75
C ARG A 32 -19.22 -18.10 1.24
N ARG A 33 -18.09 -17.90 1.93
CA ARG A 33 -17.18 -16.77 1.71
C ARG A 33 -17.93 -15.43 1.65
N THR A 34 -18.81 -15.19 2.62
CA THR A 34 -19.48 -13.91 2.72
C THR A 34 -19.29 -13.27 4.10
N LEU A 35 -19.35 -11.94 4.18
CA LEU A 35 -19.55 -11.24 5.43
C LEU A 35 -20.97 -10.84 5.39
N THR A 36 -21.68 -11.03 6.49
CA THR A 36 -23.07 -10.68 6.55
C THR A 36 -23.27 -9.87 7.80
N GLY A 37 -24.00 -8.76 7.69
CA GLY A 37 -24.37 -8.03 8.87
C GLY A 37 -24.93 -6.64 8.67
N THR A 38 -24.69 -5.76 9.64
CA THR A 38 -25.22 -4.41 9.56
C THR A 38 -24.09 -3.39 9.63
N ALA A 39 -24.25 -2.32 8.86
CA ALA A 39 -23.39 -1.13 8.90
C ALA A 39 -24.30 -0.01 9.35
N ALA A 40 -24.11 0.51 10.58
CA ALA A 40 -24.93 1.59 11.12
C ALA A 40 -24.16 2.87 10.91
N LEU A 41 -24.53 3.68 9.93
CA LEU A 41 -23.79 4.94 9.70
C LEU A 41 -24.41 6.12 10.47
N THR A 42 -23.64 6.79 11.32
CA THR A 42 -24.11 8.04 11.88
C THR A 42 -23.79 9.14 10.87
N VAL A 43 -24.82 9.73 10.27
CA VAL A 43 -24.63 10.63 9.12
C VAL A 43 -25.05 12.04 9.50
N GLN A 44 -24.21 13.03 9.22
CA GLN A 44 -24.58 14.40 9.56
C GLN A 44 -24.86 15.17 8.32
N SER A 45 -26.07 15.69 8.17
CA SER A 45 -26.38 16.40 6.93
C SER A 45 -25.57 17.66 6.87
N GLN A 46 -25.18 18.11 5.67
CA GLN A 46 -24.48 19.38 5.60
C GLN A 46 -25.34 20.41 4.98
N GLU A 47 -26.61 20.07 4.77
CA GLU A 47 -27.51 20.85 3.89
C GLU A 47 -28.86 21.01 4.51
N ASP A 48 -29.55 22.08 4.12
CA ASP A 48 -30.92 22.27 4.51
C ASP A 48 -31.81 21.30 3.74
N ASN A 49 -32.86 20.84 4.40
CA ASN A 49 -33.88 20.06 3.72
C ASN A 49 -33.33 18.86 2.93
N LEU A 50 -32.39 18.14 3.52
CA LEU A 50 -31.83 16.95 2.88
C LEU A 50 -32.82 15.80 2.98
N ARG A 51 -33.16 15.20 1.82
CA ARG A 51 -34.14 14.09 1.75
C ARG A 51 -33.59 12.79 1.21
N SER A 52 -32.46 12.85 0.54
CA SER A 52 -31.83 11.58 0.16
C SER A 52 -30.32 11.68 0.18
N LEU A 53 -29.68 10.54 0.38
CA LEU A 53 -28.24 10.49 0.17
C LEU A 53 -27.77 9.23 -0.57
N VAL A 54 -26.59 9.30 -1.16
CA VAL A 54 -26.08 8.25 -2.03
C VAL A 54 -24.79 7.63 -1.47
N LEU A 55 -24.75 6.29 -1.37
CA LEU A 55 -23.53 5.61 -0.88
C LEU A 55 -22.86 4.81 -1.98
N ASP A 56 -21.56 4.59 -1.81
CA ASP A 56 -20.85 3.66 -2.67
C ASP A 56 -21.16 2.21 -2.25
N THR A 57 -21.30 1.32 -3.22
CA THR A 57 -21.30 -0.11 -2.96
C THR A 57 -20.64 -0.77 -4.18
N LYS A 58 -20.25 -2.03 -4.01
CA LYS A 58 -19.71 -2.83 -5.10
C LYS A 58 -19.94 -4.30 -4.79
N ASP A 59 -20.78 -4.94 -5.59
CA ASP A 59 -21.07 -6.37 -5.41
C ASP A 59 -21.57 -6.67 -4.02
N LEU A 60 -22.39 -5.77 -3.47
CA LEU A 60 -23.04 -5.99 -2.16
C LEU A 60 -24.50 -6.35 -2.37
N THR A 61 -25.00 -7.32 -1.60
CA THR A 61 -26.42 -7.62 -1.63
C THR A 61 -27.01 -6.89 -0.43
N ILE A 62 -27.90 -5.95 -0.70
CA ILE A 62 -28.56 -5.19 0.38
C ILE A 62 -29.83 -5.91 0.74
N GLU A 63 -29.99 -6.22 2.02
CA GLU A 63 -31.23 -6.81 2.51
C GLU A 63 -32.27 -5.73 2.78
N LYS A 64 -31.94 -4.74 3.60
CA LYS A 64 -32.91 -3.69 3.98
C LYS A 64 -32.18 -2.45 4.53
N VAL A 65 -32.90 -1.35 4.65
CA VAL A 65 -32.36 -0.17 5.28
C VAL A 65 -33.32 0.30 6.36
N VAL A 66 -32.81 0.51 7.57
CA VAL A 66 -33.64 0.88 8.71
C VAL A 66 -33.21 2.24 9.29
N ILE A 67 -34.16 3.20 9.35
CA ILE A 67 -33.97 4.50 10.03
C ILE A 67 -35.14 4.73 11.00
N ASN A 68 -34.84 5.15 12.23
CA ASN A 68 -35.87 5.24 13.28
C ASN A 68 -36.76 3.99 13.37
N GLY A 69 -36.14 2.82 13.31
CA GLY A 69 -36.84 1.56 13.47
C GLY A 69 -37.77 1.13 12.34
N GLN A 70 -37.68 1.73 11.16
CA GLN A 70 -38.57 1.32 10.02
C GLN A 70 -37.81 0.97 8.71
N GLU A 71 -38.23 -0.06 7.96
CA GLU A 71 -37.60 -0.38 6.65
C GLU A 71 -37.87 0.88 5.74
N VAL A 72 -36.89 1.45 5.03
CA VAL A 72 -37.15 2.64 4.18
C VAL A 72 -36.73 2.37 2.74
N LYS A 73 -37.17 3.23 1.81
CA LYS A 73 -36.93 3.04 0.39
C LYS A 73 -35.49 3.33 -0.03
N TYR A 74 -35.01 2.62 -1.04
CA TYR A 74 -33.66 2.78 -1.54
C TYR A 74 -33.57 2.08 -2.89
N ALA A 75 -32.54 2.42 -3.66
CA ALA A 75 -32.37 1.81 -4.97
C ALA A 75 -30.86 1.75 -5.34
N LEU A 76 -30.49 0.69 -6.06
CA LEU A 76 -29.14 0.56 -6.58
C LEU A 76 -29.16 0.96 -8.05
N GLY A 77 -28.35 1.94 -8.42
CA GLY A 77 -28.20 2.33 -9.82
C GLY A 77 -27.44 1.26 -10.61
N GLU A 78 -27.30 1.49 -11.91
CA GLU A 78 -26.55 0.62 -12.79
C GLU A 78 -25.06 0.60 -12.43
N ARG A 79 -24.46 -0.57 -12.48
CA ARG A 79 -23.07 -0.72 -12.16
C ARG A 79 -22.22 0.17 -13.04
N GLN A 80 -21.28 0.89 -12.44
CA GLN A 80 -20.34 1.67 -13.22
C GLN A 80 -18.95 1.11 -13.08
N SER A 81 -18.81 -0.15 -13.47
CA SER A 81 -17.52 -0.73 -13.70
C SER A 81 -16.82 -0.89 -12.34
N TYR A 82 -15.54 -0.52 -12.27
CA TYR A 82 -14.75 -0.61 -11.04
C TYR A 82 -15.21 0.36 -9.93
N LYS A 83 -16.02 1.36 -10.27
CA LYS A 83 -16.63 2.18 -9.22
C LYS A 83 -17.75 1.48 -8.45
N GLY A 84 -18.27 0.37 -8.97
CA GLY A 84 -19.44 -0.30 -8.35
C GLY A 84 -20.77 0.39 -8.63
N SER A 85 -21.71 0.28 -7.68
CA SER A 85 -23.07 0.72 -7.91
C SER A 85 -23.53 1.66 -6.82
N PRO A 86 -23.98 2.87 -7.20
CA PRO A 86 -24.45 3.82 -6.18
C PRO A 86 -25.72 3.36 -5.53
N MET A 87 -25.82 3.59 -4.23
CA MET A 87 -27.02 3.28 -3.49
C MET A 87 -27.73 4.56 -2.98
N GLU A 88 -28.86 4.86 -3.61
CA GLU A 88 -29.67 5.98 -3.21
C GLU A 88 -30.64 5.63 -2.08
N ILE A 89 -30.57 6.36 -0.95
CA ILE A 89 -31.43 6.09 0.19
C ILE A 89 -32.38 7.25 0.45
N SER A 90 -33.68 6.95 0.49
CA SER A 90 -34.72 7.95 0.80
C SER A 90 -34.89 8.21 2.28
N LEU A 91 -34.57 9.40 2.72
CA LEU A 91 -34.72 9.68 4.16
C LEU A 91 -36.23 9.77 4.52
N PRO A 92 -36.61 9.27 5.70
CA PRO A 92 -38.04 9.37 5.98
C PRO A 92 -38.45 10.82 6.31
N ILE A 93 -37.53 11.59 6.83
CA ILE A 93 -37.82 12.93 7.27
C ILE A 93 -36.67 13.79 6.82
N ALA A 94 -37.02 14.92 6.24
CA ALA A 94 -36.03 15.87 5.82
C ALA A 94 -35.16 16.35 6.99
N LEU A 95 -33.88 16.57 6.68
CA LEU A 95 -32.91 16.91 7.72
C LEU A 95 -32.46 18.35 7.53
N SER A 96 -32.33 19.08 8.64
CA SER A 96 -31.77 20.42 8.55
C SER A 96 -30.26 20.37 8.56
N LYS A 97 -29.61 21.48 8.27
CA LYS A 97 -28.14 21.50 8.34
C LYS A 97 -27.59 21.04 9.72
N ASN A 98 -26.59 20.18 9.68
CA ASN A 98 -25.92 19.67 10.89
C ASN A 98 -26.71 18.63 11.64
N GLN A 99 -27.89 18.26 11.13
CA GLN A 99 -28.70 17.28 11.87
C GLN A 99 -28.09 15.89 11.70
N GLU A 100 -28.08 15.07 12.76
CA GLU A 100 -27.57 13.70 12.64
C GLU A 100 -28.62 12.63 12.78
N ILE A 101 -28.61 11.65 11.88
CA ILE A 101 -29.35 10.42 12.09
C ILE A 101 -28.43 9.21 12.00
N VAL A 102 -28.96 8.07 12.43
CA VAL A 102 -28.32 6.80 12.27
C VAL A 102 -29.10 6.00 11.22
N ILE A 103 -28.39 5.50 10.21
CA ILE A 103 -28.97 4.68 9.15
C ILE A 103 -28.37 3.27 9.23
N GLU A 104 -29.16 2.25 9.52
CA GLU A 104 -28.64 0.94 9.66
C GLU A 104 -28.93 0.08 8.39
N ILE A 105 -27.88 -0.28 7.65
CA ILE A 105 -28.00 -1.12 6.48
C ILE A 105 -27.66 -2.62 6.67
N SER A 106 -28.60 -3.51 6.38
CA SER A 106 -28.33 -4.95 6.39
C SER A 106 -27.77 -5.38 5.04
N PHE A 107 -26.62 -6.03 5.05
CA PHE A 107 -25.94 -6.29 3.77
C PHE A 107 -25.18 -7.58 3.87
N GLU A 108 -24.78 -8.08 2.71
CA GLU A 108 -23.95 -9.25 2.59
C GLU A 108 -22.99 -9.02 1.44
N THR A 109 -21.73 -9.46 1.59
CA THR A 109 -20.71 -9.33 0.52
C THR A 109 -20.74 -10.51 -0.45
N SER A 110 -20.12 -10.31 -1.62
CA SER A 110 -19.85 -11.34 -2.62
C SER A 110 -18.56 -12.11 -2.32
N PRO A 111 -18.52 -13.38 -2.74
CA PRO A 111 -17.26 -14.09 -2.57
C PRO A 111 -16.19 -13.45 -3.45
N LYS A 112 -16.60 -12.73 -4.48
CA LYS A 112 -15.62 -12.09 -5.39
C LYS A 112 -15.32 -10.64 -5.04
N SER A 113 -15.79 -10.20 -3.89
CA SER A 113 -15.45 -8.87 -3.39
C SER A 113 -13.98 -8.56 -3.64
N SER A 114 -13.75 -7.49 -4.37
CA SER A 114 -12.42 -7.13 -4.72
C SER A 114 -11.66 -6.61 -3.48
N ALA A 115 -12.35 -6.38 -2.36
CA ALA A 115 -11.64 -5.95 -1.16
C ALA A 115 -11.03 -7.15 -0.42
N LEU A 116 -11.51 -8.36 -0.72
CA LEU A 116 -11.19 -9.53 0.10
C LEU A 116 -10.43 -10.66 -0.63
N GLN A 117 -9.56 -11.36 0.11
CA GLN A 117 -9.16 -12.66 -0.33
C GLN A 117 -9.49 -13.71 0.72
N TRP A 118 -10.25 -14.72 0.29
CA TRP A 118 -10.62 -15.86 1.12
C TRP A 118 -9.64 -16.99 0.83
N LEU A 119 -8.98 -17.50 1.86
CA LEU A 119 -7.93 -18.50 1.63
C LEU A 119 -8.37 -19.80 2.19
N THR A 120 -8.10 -20.88 1.45
CA THR A 120 -8.41 -22.21 1.89
C THR A 120 -7.32 -22.60 2.87
N PRO A 121 -7.55 -23.63 3.68
CA PRO A 121 -6.50 -24.11 4.58
C PRO A 121 -5.15 -24.38 3.91
N GLU A 122 -5.17 -24.92 2.70
CA GLU A 122 -3.92 -25.28 2.01
C GLU A 122 -3.11 -24.06 1.59
N GLN A 123 -3.78 -22.90 1.52
CA GLN A 123 -3.15 -21.65 1.12
C GLN A 123 -2.52 -20.90 2.31
N THR A 124 -2.53 -21.49 3.49
CA THR A 124 -1.91 -20.84 4.67
C THR A 124 -0.68 -21.64 5.14
N SER A 125 -0.12 -21.32 6.30
CA SER A 125 1.00 -22.08 6.86
C SER A 125 0.62 -23.37 7.63
N GLY A 126 -0.44 -23.28 8.44
CA GLY A 126 -0.85 -24.37 9.32
C GLY A 126 -1.54 -25.51 8.59
N LYS A 127 -2.22 -25.21 7.50
CA LYS A 127 -2.88 -26.26 6.73
C LYS A 127 -4.18 -26.82 7.31
N GLU A 128 -4.67 -26.27 8.44
CA GLU A 128 -5.98 -26.74 9.00
C GLU A 128 -7.15 -25.77 8.97
N HIS A 129 -6.86 -24.46 8.99
CA HIS A 129 -7.93 -23.45 9.11
C HIS A 129 -7.89 -22.49 7.93
N PRO A 130 -9.03 -21.93 7.59
CA PRO A 130 -9.01 -20.98 6.49
C PRO A 130 -8.58 -19.59 6.99
N TYR A 131 -8.64 -18.60 6.11
CA TYR A 131 -8.09 -17.29 6.42
C TYR A 131 -8.74 -16.25 5.55
N LEU A 132 -8.95 -15.06 6.08
CA LEU A 132 -9.52 -13.98 5.30
C LEU A 132 -8.75 -12.73 5.61
N PHE A 133 -8.43 -11.95 4.58
CA PHE A 133 -7.91 -10.59 4.84
C PHE A 133 -8.46 -9.61 3.84
N SER A 134 -8.56 -8.37 4.28
CA SER A 134 -9.03 -7.27 3.47
C SER A 134 -7.91 -6.36 2.99
N GLN A 135 -8.18 -5.59 1.94
CA GLN A 135 -7.33 -4.48 1.51
C GLN A 135 -8.24 -3.42 0.85
N CYS A 136 -8.56 -2.33 1.59
CA CYS A 136 -9.52 -1.35 1.06
C CYS A 136 -8.92 -0.24 0.21
N GLN A 137 -7.65 0.10 0.44
CA GLN A 137 -7.04 1.14 -0.37
C GLN A 137 -6.96 0.60 -1.81
N ALA A 138 -7.34 1.38 -2.79
CA ALA A 138 -7.84 2.75 -2.63
C ALA A 138 -9.36 2.81 -2.43
N ILE A 139 -10.11 2.15 -3.32
CA ILE A 139 -11.55 2.28 -3.34
C ILE A 139 -12.24 0.90 -3.25
N HIS A 140 -11.73 0.02 -2.40
CA HIS A 140 -12.39 -1.27 -2.20
C HIS A 140 -13.19 -1.35 -0.91
N CYS A 141 -13.16 -0.30 -0.10
CA CYS A 141 -14.06 -0.30 1.05
C CYS A 141 -15.52 -0.55 0.66
N ARG A 142 -15.95 0.02 -0.46
CA ARG A 142 -17.35 -0.16 -0.97
C ARG A 142 -17.71 -1.60 -1.27
N ALA A 143 -16.69 -2.45 -1.43
CA ALA A 143 -16.90 -3.89 -1.64
C ALA A 143 -16.95 -4.66 -0.33
N ILE A 144 -16.83 -3.95 0.78
CA ILE A 144 -17.11 -4.59 2.08
C ILE A 144 -18.45 -4.15 2.69
N LEU A 145 -18.74 -2.85 2.61
CA LEU A 145 -19.89 -2.26 3.30
C LEU A 145 -20.32 -1.01 2.57
N PRO A 146 -21.61 -0.70 2.55
CA PRO A 146 -21.95 0.55 1.83
C PRO A 146 -21.41 1.76 2.63
N CYS A 147 -20.81 2.73 1.95
CA CYS A 147 -20.16 3.85 2.63
C CYS A 147 -19.87 4.97 1.63
N GLN A 148 -19.57 6.18 2.14
CA GLN A 148 -19.08 7.24 1.31
C GLN A 148 -17.59 6.95 1.06
N ASP A 149 -17.30 6.27 -0.03
CA ASP A 149 -15.95 5.70 -0.22
C ASP A 149 -14.98 6.70 -0.84
N THR A 150 -14.58 7.67 -0.03
CA THR A 150 -13.75 8.76 -0.47
C THR A 150 -12.97 9.19 0.74
N PRO A 151 -11.69 9.48 0.54
CA PRO A 151 -10.90 9.93 1.69
C PRO A 151 -11.19 11.38 2.10
N SER A 152 -12.21 11.99 1.52
CA SER A 152 -12.53 13.38 1.86
C SER A 152 -13.45 13.41 3.09
N VAL A 153 -13.77 12.22 3.57
CA VAL A 153 -14.68 12.02 4.70
C VAL A 153 -13.95 11.19 5.74
N LYS A 154 -14.01 11.63 7.01
CA LYS A 154 -13.35 10.91 8.09
C LYS A 154 -14.33 10.52 9.13
N LEU A 155 -14.20 9.29 9.63
CA LEU A 155 -15.16 8.75 10.60
C LEU A 155 -14.50 7.89 11.66
N THR A 156 -15.06 7.86 12.86
CA THR A 156 -14.71 6.86 13.83
C THR A 156 -15.49 5.56 13.58
N TYR A 157 -15.07 4.48 14.20
CA TYR A 157 -15.88 3.28 14.07
C TYR A 157 -15.71 2.37 15.25
N THR A 158 -16.66 1.45 15.41
CA THR A 158 -16.55 0.42 16.43
C THR A 158 -17.09 -0.77 15.70
N ALA A 159 -16.66 -1.97 16.06
CA ALA A 159 -17.12 -3.13 15.32
C ALA A 159 -17.15 -4.37 16.21
N GLU A 160 -18.08 -5.28 15.91
CA GLU A 160 -18.18 -6.54 16.62
C GLU A 160 -18.26 -7.55 15.51
N VAL A 161 -17.39 -8.56 15.57
CA VAL A 161 -17.17 -9.47 14.45
C VAL A 161 -17.25 -10.94 14.89
N SER A 162 -18.20 -11.69 14.36
CA SER A 162 -18.34 -13.05 14.85
C SER A 162 -17.67 -14.02 13.90
N VAL A 163 -16.82 -14.88 14.45
CA VAL A 163 -16.01 -15.79 13.66
C VAL A 163 -16.01 -17.14 14.32
N PRO A 164 -15.71 -18.19 13.56
CA PRO A 164 -15.54 -19.52 14.18
C PRO A 164 -14.64 -19.40 15.41
N LYS A 165 -15.02 -20.04 16.48
CA LYS A 165 -14.33 -19.82 17.74
C LYS A 165 -12.82 -20.11 17.75
N GLU A 166 -12.31 -20.95 16.85
CA GLU A 166 -10.91 -21.37 16.97
C GLU A 166 -10.00 -20.42 16.21
N LEU A 167 -10.64 -19.50 15.49
CA LEU A 167 -9.99 -18.41 14.77
C LEU A 167 -9.97 -17.08 15.61
N VAL A 168 -9.17 -16.12 15.11
CA VAL A 168 -9.00 -14.80 15.73
C VAL A 168 -9.24 -13.75 14.66
N ALA A 169 -9.96 -12.70 15.03
CA ALA A 169 -10.19 -11.54 14.19
C ALA A 169 -9.37 -10.37 14.74
N LEU A 170 -8.75 -9.61 13.84
CA LEU A 170 -8.10 -8.33 14.16
C LEU A 170 -8.59 -7.26 13.20
N MET A 171 -8.59 -6.02 13.64
CA MET A 171 -9.00 -4.88 12.79
C MET A 171 -8.08 -3.67 12.91
N SER A 172 -8.32 -2.62 12.10
CA SER A 172 -7.54 -1.38 12.19
C SER A 172 -8.08 -0.50 13.33
N ALA A 173 -7.88 -0.99 14.55
CA ALA A 173 -8.53 -0.41 15.73
C ALA A 173 -7.92 -1.01 16.97
N ILE A 174 -8.28 -0.50 18.15
CA ILE A 174 -7.87 -1.05 19.43
C ILE A 174 -8.75 -2.26 19.77
N ARG A 175 -8.15 -3.39 20.13
CA ARG A 175 -8.85 -4.61 20.51
C ARG A 175 -9.64 -4.32 21.78
N ASP A 176 -10.93 -4.64 21.74
CA ASP A 176 -11.80 -4.33 22.86
C ASP A 176 -12.37 -5.59 23.55
N GLY A 177 -11.66 -6.71 23.49
CA GLY A 177 -12.12 -7.94 24.08
C GLY A 177 -12.87 -8.93 23.17
N GLU A 178 -13.09 -10.12 23.70
CA GLU A 178 -13.73 -11.20 23.00
C GLU A 178 -14.77 -11.89 23.94
N THR A 179 -15.82 -12.49 23.37
CA THR A 179 -16.74 -13.37 24.15
C THR A 179 -17.28 -14.46 23.26
N PRO A 180 -17.83 -15.53 23.85
CA PRO A 180 -18.55 -16.46 23.00
C PRO A 180 -19.70 -15.72 22.31
N ASP A 181 -20.11 -16.18 21.14
CA ASP A 181 -21.27 -15.62 20.45
C ASP A 181 -22.54 -16.16 21.10
N PRO A 182 -23.37 -15.27 21.67
CA PRO A 182 -24.60 -15.72 22.35
C PRO A 182 -25.56 -16.47 21.41
N GLU A 183 -25.57 -16.10 20.13
CA GLU A 183 -26.44 -16.71 19.13
C GLU A 183 -25.92 -18.06 18.57
N ASP A 184 -24.77 -18.54 19.09
CA ASP A 184 -24.03 -19.70 18.48
C ASP A 184 -22.65 -19.97 19.14
N PRO A 185 -22.59 -20.99 20.02
CA PRO A 185 -21.38 -21.22 20.82
C PRO A 185 -20.23 -21.88 20.05
N SER A 186 -20.46 -22.18 18.77
CA SER A 186 -19.35 -22.53 17.90
C SER A 186 -18.54 -21.27 17.49
N ARG A 187 -18.93 -20.10 18.02
CA ARG A 187 -18.35 -18.82 17.59
C ARG A 187 -17.88 -17.88 18.71
N LYS A 188 -16.90 -17.05 18.39
CA LYS A 188 -16.52 -15.93 19.24
C LYS A 188 -16.87 -14.59 18.55
N ILE A 189 -17.28 -13.61 19.34
CA ILE A 189 -17.38 -12.24 18.88
C ILE A 189 -16.18 -11.41 19.38
N TYR A 190 -15.54 -10.68 18.45
CA TYR A 190 -14.37 -9.85 18.82
C TYR A 190 -14.80 -8.43 18.63
N LYS A 191 -14.41 -7.57 19.58
CA LYS A 191 -14.84 -6.16 19.52
C LYS A 191 -13.67 -5.20 19.30
N PHE A 192 -13.96 -4.01 18.78
CA PHE A 192 -12.92 -3.09 18.29
C PHE A 192 -13.47 -1.67 18.37
N ILE A 193 -12.60 -0.74 18.69
CA ILE A 193 -12.95 0.66 18.69
C ILE A 193 -11.82 1.45 18.04
N GLN A 194 -12.16 2.28 17.06
CA GLN A 194 -11.21 3.23 16.49
C GLN A 194 -11.75 4.62 16.88
N LYS A 195 -11.20 5.21 17.95
CA LYS A 195 -11.68 6.51 18.49
C LYS A 195 -11.14 7.73 17.63
N VAL A 196 -10.16 7.49 16.75
CA VAL A 196 -9.59 8.59 15.94
C VAL A 196 -10.20 8.57 14.53
N PRO A 197 -10.84 9.66 14.08
CA PRO A 197 -11.51 9.64 12.78
C PRO A 197 -10.57 9.29 11.65
N ILE A 198 -11.05 8.48 10.70
CA ILE A 198 -10.22 8.01 9.60
C ILE A 198 -10.97 8.00 8.27
N PRO A 199 -10.21 8.11 7.18
CA PRO A 199 -10.84 7.82 5.88
C PRO A 199 -11.23 6.34 5.84
N CYS A 200 -12.34 5.96 5.19
CA CYS A 200 -12.74 4.56 5.22
C CYS A 200 -11.72 3.60 4.54
N TYR A 201 -10.83 4.10 3.69
CA TYR A 201 -9.88 3.17 3.09
C TYR A 201 -8.97 2.51 4.10
N LEU A 202 -8.91 3.06 5.32
CA LEU A 202 -8.09 2.51 6.40
C LEU A 202 -8.82 1.45 7.25
N ILE A 203 -10.09 1.20 6.94
CA ILE A 203 -10.79 0.09 7.55
C ILE A 203 -10.11 -1.24 7.16
N ALA A 204 -9.85 -2.13 8.12
CA ALA A 204 -9.18 -3.42 7.79
C ALA A 204 -9.65 -4.50 8.73
N LEU A 205 -9.68 -5.73 8.19
CA LEU A 205 -10.08 -6.93 8.93
C LEU A 205 -9.18 -8.10 8.51
N VAL A 206 -8.71 -8.90 9.46
CA VAL A 206 -8.13 -10.22 9.14
C VAL A 206 -8.83 -11.22 10.07
N VAL A 207 -9.12 -12.45 9.58
CA VAL A 207 -9.58 -13.53 10.40
C VAL A 207 -8.76 -14.79 10.12
N GLY A 208 -8.13 -15.39 11.13
CA GLY A 208 -7.20 -16.49 10.86
C GLY A 208 -6.75 -17.15 12.14
N ALA A 209 -5.96 -18.21 11.99
CA ALA A 209 -5.32 -18.88 13.14
C ALA A 209 -4.09 -18.10 13.53
N LEU A 210 -4.32 -16.99 14.23
CA LEU A 210 -3.26 -16.00 14.50
C LEU A 210 -2.78 -16.13 15.90
N GLU A 211 -1.49 -15.87 16.12
CA GLU A 211 -0.87 -15.77 17.42
C GLU A 211 -0.05 -14.48 17.40
N SER A 212 0.33 -14.01 18.59
CA SER A 212 1.04 -12.74 18.72
C SER A 212 2.21 -12.92 19.60
N ARG A 213 3.24 -12.13 19.36
CA ARG A 213 4.36 -12.08 20.29
C ARG A 213 4.67 -10.61 20.59
N GLN A 214 5.07 -10.29 21.81
CA GLN A 214 5.34 -8.89 22.05
C GLN A 214 6.78 -8.52 21.65
N ILE A 215 6.93 -7.42 20.90
CA ILE A 215 8.26 -6.93 20.50
C ILE A 215 8.63 -5.50 20.87
N GLY A 216 7.70 -4.71 21.42
CA GLY A 216 8.09 -3.44 22.08
C GLY A 216 6.97 -2.99 23.01
N PRO A 217 7.10 -1.79 23.62
CA PRO A 217 6.08 -1.43 24.64
C PRO A 217 4.67 -1.20 24.09
N ARG A 218 4.57 -1.00 22.79
CA ARG A 218 3.28 -0.78 22.17
C ARG A 218 3.16 -1.55 20.84
N THR A 219 3.92 -2.65 20.70
CA THR A 219 3.86 -3.42 19.46
C THR A 219 3.81 -4.93 19.67
N LEU A 220 2.83 -5.58 19.10
CA LEU A 220 2.85 -7.03 19.07
C LEU A 220 2.91 -7.36 17.59
N VAL A 221 3.72 -8.36 17.17
CA VAL A 221 3.62 -8.97 15.83
C VAL A 221 2.59 -10.10 15.89
N TRP A 222 1.77 -10.24 14.85
CA TRP A 222 0.73 -11.24 14.71
C TRP A 222 0.97 -11.96 13.38
N SER A 223 0.94 -13.30 13.39
CA SER A 223 0.86 -14.07 12.15
C SER A 223 0.49 -15.46 12.50
N GLU A 224 0.51 -16.36 11.53
CA GLU A 224 0.31 -17.73 11.91
C GLU A 224 1.51 -18.17 12.73
N LYS A 225 1.29 -19.18 13.53
CA LYS A 225 2.24 -19.69 14.49
C LYS A 225 3.65 -19.87 13.89
N GLU A 226 3.71 -20.40 12.66
CA GLU A 226 5.01 -20.75 12.10
C GLU A 226 5.83 -19.56 11.61
N GLN A 227 5.26 -18.35 11.61
CA GLN A 227 5.99 -17.14 11.22
C GLN A 227 6.33 -16.18 12.39
N VAL A 228 5.91 -16.55 13.58
CA VAL A 228 5.96 -15.59 14.65
C VAL A 228 7.39 -15.26 15.08
N GLU A 229 8.19 -16.30 15.25
CA GLU A 229 9.55 -16.15 15.75
C GLU A 229 10.36 -15.29 14.79
N LYS A 230 10.33 -15.69 13.54
CA LYS A 230 11.07 -15.03 12.52
C LYS A 230 10.64 -13.58 12.35
N SER A 231 9.33 -13.31 12.46
CA SER A 231 8.84 -11.92 12.32
C SER A 231 9.22 -11.05 13.52
N ALA A 232 9.29 -11.65 14.70
CA ALA A 232 9.61 -10.84 15.88
C ALA A 232 11.04 -10.32 15.78
N TYR A 233 11.89 -11.11 15.14
CA TYR A 233 13.27 -10.74 14.98
C TYR A 233 13.35 -9.72 13.84
N GLU A 234 12.74 -10.06 12.70
CA GLU A 234 12.84 -9.21 11.50
C GLU A 234 12.41 -7.79 11.82
N PHE A 235 11.34 -7.66 12.58
CA PHE A 235 10.78 -6.34 12.90
C PHE A 235 11.17 -5.76 14.26
N SER A 236 12.26 -6.24 14.83
CA SER A 236 12.69 -5.75 16.15
C SER A 236 13.03 -4.26 16.25
N GLU A 237 13.26 -3.57 15.15
CA GLU A 237 13.61 -2.14 15.19
C GLU A 237 12.36 -1.25 15.26
N THR A 238 11.18 -1.87 15.32
CA THR A 238 9.92 -1.17 15.26
C THR A 238 9.77 -0.07 16.33
N GLU A 239 9.85 -0.41 17.61
CA GLU A 239 9.85 0.63 18.60
C GLU A 239 10.84 1.77 18.29
N SER A 240 12.07 1.46 17.94
CA SER A 240 13.03 2.57 17.85
C SER A 240 12.65 3.47 16.67
N MET A 241 12.04 2.87 15.65
CA MET A 241 11.51 3.61 14.52
C MET A 241 10.32 4.48 14.93
N LEU A 242 9.50 4.01 15.85
CA LEU A 242 8.40 4.85 16.31
C LEU A 242 8.93 6.07 17.05
N LYS A 243 9.94 5.84 17.92
CA LYS A 243 10.51 6.94 18.68
C LYS A 243 11.02 8.05 17.77
N ILE A 244 11.72 7.69 16.69
CA ILE A 244 12.20 8.69 15.74
C ILE A 244 11.04 9.35 14.94
N ALA A 245 10.05 8.56 14.55
CA ALA A 245 8.92 9.10 13.79
C ALA A 245 8.11 10.08 14.66
N GLU A 246 8.04 9.82 15.96
CA GLU A 246 7.36 10.73 16.89
C GLU A 246 8.11 12.04 17.01
N ASP A 247 9.43 11.96 17.05
CA ASP A 247 10.25 13.13 17.11
C ASP A 247 10.12 13.96 15.85
N LEU A 248 9.97 13.32 14.69
CA LEU A 248 9.84 14.08 13.44
C LEU A 248 8.40 14.56 13.24
N GLY A 249 7.45 13.72 13.61
CA GLY A 249 6.07 14.07 13.28
C GLY A 249 5.21 14.60 14.43
N GLY A 250 5.67 14.45 15.69
CA GLY A 250 4.80 14.77 16.81
C GLY A 250 4.15 13.51 17.33
N PRO A 251 3.31 13.68 18.34
CA PRO A 251 2.83 12.50 19.07
C PRO A 251 2.18 11.43 18.17
N TYR A 252 2.48 10.18 18.48
CA TYR A 252 1.79 9.07 17.88
C TYR A 252 0.46 9.01 18.66
N VAL A 253 -0.67 9.14 17.95
CA VAL A 253 -1.98 9.34 18.60
C VAL A 253 -2.87 8.07 18.61
N TRP A 254 -2.34 6.94 18.12
CA TRP A 254 -3.18 5.79 17.74
C TRP A 254 -3.27 4.67 18.79
N GLY A 255 -2.60 4.90 19.93
CA GLY A 255 -2.53 3.93 21.03
C GLY A 255 -1.49 2.86 20.70
N GLN A 256 -1.94 1.82 20.00
CA GLN A 256 -1.13 0.68 19.61
C GLN A 256 -0.44 0.81 18.23
N TYR A 257 0.76 0.29 18.11
CA TYR A 257 1.31 -0.02 16.77
C TYR A 257 1.63 -1.51 16.59
N ASP A 258 0.68 -2.30 16.12
CA ASP A 258 0.91 -3.74 15.91
C ASP A 258 1.32 -4.01 14.50
N LEU A 259 1.86 -5.20 14.25
CA LEU A 259 2.18 -5.62 12.91
C LEU A 259 1.47 -6.93 12.60
N LEU A 260 0.89 -7.04 11.42
CA LEU A 260 0.36 -8.32 11.04
C LEU A 260 1.15 -8.82 9.86
N VAL A 261 1.70 -10.02 9.94
CA VAL A 261 2.42 -10.55 8.81
C VAL A 261 1.46 -11.47 8.12
N LEU A 262 1.05 -11.07 6.92
CA LEU A 262 0.11 -11.88 6.12
C LEU A 262 0.67 -13.08 5.35
N PRO A 263 -0.24 -13.93 4.83
CA PRO A 263 0.17 -15.02 3.96
C PRO A 263 0.76 -14.40 2.72
N PRO A 264 1.42 -15.24 1.90
CA PRO A 264 2.27 -14.66 0.84
C PRO A 264 1.51 -13.95 -0.27
N SER A 265 0.21 -14.19 -0.39
CA SER A 265 -0.58 -13.50 -1.42
C SER A 265 -1.01 -12.06 -1.09
N PHE A 266 -0.61 -11.53 0.06
CA PHE A 266 -0.88 -10.11 0.31
C PHE A 266 -0.27 -9.20 -0.82
N PRO A 267 -1.11 -8.38 -1.48
CA PRO A 267 -0.70 -7.73 -2.74
C PRO A 267 0.35 -6.60 -2.61
N TYR A 268 0.57 -6.18 -1.36
CA TYR A 268 1.49 -5.10 -1.06
C TYR A 268 2.68 -5.44 -0.14
N GLY A 269 3.74 -4.63 -0.21
CA GLY A 269 4.80 -4.73 0.73
C GLY A 269 4.27 -4.36 2.12
N GLY A 270 3.56 -3.23 2.24
CA GLY A 270 2.89 -2.87 3.51
C GLY A 270 1.62 -2.02 3.34
N MET A 271 0.82 -1.96 4.39
CA MET A 271 -0.41 -1.17 4.35
C MET A 271 -0.64 -0.59 5.73
N GLU A 272 -0.64 0.74 5.77
CA GLU A 272 -0.59 1.49 7.03
C GLU A 272 -1.92 1.48 7.79
N ASN A 273 -2.56 0.32 7.90
CA ASN A 273 -3.86 0.27 8.57
C ASN A 273 -3.65 0.73 10.00
N PRO A 274 -4.46 1.69 10.45
CA PRO A 274 -4.27 2.23 11.81
C PRO A 274 -4.28 1.13 12.92
N CYS A 275 -3.27 1.19 13.81
CA CYS A 275 -3.07 0.30 14.95
C CYS A 275 -2.58 -1.07 14.55
N LEU A 276 -2.52 -1.36 13.26
CA LEU A 276 -2.22 -2.70 12.85
C LEU A 276 -1.71 -2.69 11.42
N THR A 277 -0.44 -2.34 11.21
CA THR A 277 0.14 -2.34 9.84
C THR A 277 0.17 -3.75 9.29
N PHE A 278 -0.25 -3.95 8.03
CA PHE A 278 -0.14 -5.26 7.37
C PHE A 278 1.14 -5.31 6.54
N VAL A 279 1.91 -6.40 6.63
CA VAL A 279 3.11 -6.51 5.79
C VAL A 279 3.19 -7.84 5.06
N THR A 280 3.93 -7.88 3.97
CA THR A 280 4.19 -9.11 3.22
C THR A 280 5.22 -9.99 3.96
N PRO A 281 5.04 -11.32 3.92
CA PRO A 281 6.04 -12.21 4.51
C PRO A 281 7.31 -12.26 3.67
N THR A 282 7.30 -11.59 2.52
CA THR A 282 8.50 -11.51 1.74
C THR A 282 9.42 -10.46 2.34
N LEU A 283 9.01 -9.85 3.47
CA LEU A 283 9.91 -8.97 4.19
C LEU A 283 10.89 -9.76 5.07
N LEU A 284 10.62 -11.04 5.27
CA LEU A 284 11.36 -11.80 6.24
C LEU A 284 12.69 -12.33 5.69
N ALA A 285 13.65 -11.42 5.53
CA ALA A 285 14.89 -11.75 4.80
C ALA A 285 15.86 -12.44 5.74
N GLY A 286 15.55 -12.38 7.02
CA GLY A 286 16.40 -13.01 8.02
C GLY A 286 17.39 -12.04 8.61
N ASP A 287 17.47 -10.83 8.06
CA ASP A 287 18.50 -9.88 8.54
C ASP A 287 18.04 -8.48 8.82
N LYS A 288 16.72 -8.28 8.83
CA LYS A 288 16.11 -6.95 9.02
C LYS A 288 16.39 -5.99 7.85
N SER A 289 17.02 -6.45 6.75
CA SER A 289 17.46 -5.52 5.70
C SER A 289 16.32 -4.79 5.01
N LEU A 290 15.11 -5.35 5.06
CA LEU A 290 13.95 -4.74 4.37
C LEU A 290 13.04 -3.93 5.28
N SER A 291 13.59 -3.45 6.38
CA SER A 291 12.79 -2.79 7.39
C SER A 291 12.32 -1.39 6.98
N ASN A 292 12.85 -0.88 5.88
CA ASN A 292 12.44 0.47 5.47
C ASN A 292 10.90 0.45 5.21
N VAL A 293 10.39 -0.74 4.89
CA VAL A 293 8.96 -0.88 4.68
C VAL A 293 8.19 -0.57 5.97
N ILE A 294 8.71 -1.04 7.11
CA ILE A 294 8.10 -0.72 8.40
C ILE A 294 8.15 0.80 8.66
N ALA A 295 9.29 1.41 8.37
CA ALA A 295 9.52 2.84 8.58
C ALA A 295 8.52 3.64 7.76
N HIS A 296 8.26 3.14 6.57
CA HIS A 296 7.34 3.76 5.72
C HIS A 296 5.89 3.64 6.31
N GLU A 297 5.47 2.43 6.70
CA GLU A 297 4.10 2.32 7.20
C GLU A 297 3.94 3.11 8.52
N ILE A 298 4.95 3.06 9.40
CA ILE A 298 4.96 3.88 10.58
C ILE A 298 4.71 5.35 10.23
N SER A 299 5.47 5.85 9.26
CA SER A 299 5.36 7.26 8.88
C SER A 299 3.94 7.67 8.49
N HIS A 300 3.15 6.73 7.90
CA HIS A 300 1.77 7.04 7.52
C HIS A 300 0.92 7.41 8.69
N SER A 301 1.35 7.00 9.89
CA SER A 301 0.65 7.35 11.09
C SER A 301 0.59 8.89 11.25
N TRP A 302 1.42 9.61 10.48
CA TRP A 302 1.30 11.05 10.40
C TRP A 302 0.88 11.47 9.01
N THR A 303 1.67 11.11 8.00
CA THR A 303 1.39 11.59 6.64
C THR A 303 0.52 10.60 5.90
N GLY A 304 -0.77 10.86 5.82
CA GLY A 304 -1.64 9.83 5.29
C GLY A 304 -2.80 9.58 6.20
N ASN A 305 -2.55 9.09 7.40
CA ASN A 305 -3.67 8.77 8.34
C ASN A 305 -4.17 9.93 9.20
N LEU A 306 -3.27 10.91 9.36
CA LEU A 306 -3.60 12.12 10.10
C LEU A 306 -3.94 13.19 9.11
N VAL A 307 -3.00 13.52 8.24
CA VAL A 307 -3.27 14.44 7.13
C VAL A 307 -3.51 13.52 5.98
N THR A 308 -4.71 13.59 5.41
CA THR A 308 -5.05 12.73 4.33
C THR A 308 -5.25 13.47 3.01
N ASN A 309 -4.87 12.83 1.91
CA ASN A 309 -5.29 13.29 0.60
C ASN A 309 -6.81 13.32 0.47
N LYS A 310 -7.36 14.45 0.01
CA LYS A 310 -8.78 14.66 -0.09
C LYS A 310 -9.36 13.82 -1.23
N THR A 311 -8.58 13.64 -2.28
CA THR A 311 -9.01 12.67 -3.32
C THR A 311 -7.79 11.94 -3.82
N TRP A 312 -8.01 10.91 -4.64
CA TRP A 312 -6.88 10.11 -5.03
C TRP A 312 -6.05 10.82 -6.06
N ASP A 313 -6.59 11.89 -6.65
CA ASP A 313 -5.79 12.70 -7.54
C ASP A 313 -4.56 13.25 -6.77
N HIS A 314 -4.64 13.36 -5.42
CA HIS A 314 -3.59 13.98 -4.61
C HIS A 314 -2.75 13.02 -3.78
N PHE A 315 -2.90 11.72 -4.10
CA PHE A 315 -2.16 10.61 -3.55
C PHE A 315 -0.70 10.91 -3.27
N TRP A 316 -0.07 11.77 -4.06
CA TRP A 316 1.36 12.03 -3.83
C TRP A 316 1.59 12.67 -2.45
N LEU A 317 0.63 13.46 -1.99
CA LEU A 317 0.66 14.01 -0.63
C LEU A 317 0.82 12.88 0.37
N ASN A 318 0.01 11.82 0.25
CA ASN A 318 0.19 10.69 1.11
C ASN A 318 1.61 10.16 0.96
N GLU A 319 1.97 9.74 -0.25
CA GLU A 319 3.10 8.85 -0.43
C GLU A 319 4.46 9.57 -0.44
N GLY A 320 4.53 10.73 -1.07
CA GLY A 320 5.77 11.46 -1.13
C GLY A 320 6.24 11.89 0.25
N HIS A 321 5.35 12.48 1.04
CA HIS A 321 5.72 12.91 2.39
C HIS A 321 6.05 11.65 3.21
N THR A 322 5.47 10.51 2.86
CA THR A 322 5.73 9.34 3.68
C THR A 322 7.08 8.76 3.36
N VAL A 323 7.43 8.65 2.07
CA VAL A 323 8.77 8.24 1.67
C VAL A 323 9.81 9.22 2.26
N TYR A 324 9.45 10.50 2.32
CA TYR A 324 10.37 11.51 2.84
C TYR A 324 10.62 11.22 4.31
N LEU A 325 9.61 10.87 5.10
CA LEU A 325 9.84 10.53 6.51
C LEU A 325 10.55 9.19 6.66
N GLU A 326 10.09 8.19 5.90
CA GLU A 326 10.75 6.89 5.86
C GLU A 326 12.27 7.04 5.72
N ARG A 327 12.70 7.86 4.74
CA ARG A 327 14.12 8.02 4.45
C ARG A 327 14.81 8.84 5.51
N HIS A 328 14.06 9.66 6.25
CA HIS A 328 14.65 10.32 7.41
C HIS A 328 14.86 9.36 8.60
N ILE A 329 13.92 8.43 8.79
CA ILE A 329 14.03 7.45 9.86
C ILE A 329 15.29 6.65 9.56
N CYS A 330 15.44 6.20 8.31
CA CYS A 330 16.58 5.35 7.96
C CYS A 330 17.89 6.12 8.00
N GLY A 331 17.84 7.40 7.71
CA GLY A 331 19.02 8.23 7.85
C GLY A 331 19.40 8.50 9.30
N ARG A 332 18.43 8.71 10.18
CA ARG A 332 18.74 8.73 11.63
C ARG A 332 19.34 7.43 12.15
N LEU A 333 18.83 6.34 11.64
CA LEU A 333 19.13 5.07 12.25
C LEU A 333 20.51 4.60 11.81
N PHE A 334 20.86 4.94 10.56
CA PHE A 334 22.04 4.37 9.86
C PHE A 334 23.02 5.39 9.27
N GLY A 335 22.67 6.69 9.27
CA GLY A 335 23.57 7.76 8.91
C GLY A 335 23.04 8.45 7.67
N GLU A 336 23.32 9.75 7.54
CA GLU A 336 22.88 10.57 6.41
C GLU A 336 23.22 10.00 5.01
N LYS A 337 24.39 9.37 4.92
CA LYS A 337 24.80 8.70 3.70
C LYS A 337 23.86 7.57 3.26
N PHE A 338 23.16 6.97 4.21
CA PHE A 338 22.26 5.89 3.88
C PHE A 338 20.95 6.50 3.34
N ARG A 339 20.41 7.52 4.01
CA ARG A 339 19.32 8.29 3.45
C ARG A 339 19.61 8.68 1.99
N HIS A 340 20.81 9.18 1.68
CA HIS A 340 21.14 9.60 0.32
C HIS A 340 21.18 8.41 -0.62
N PHE A 341 21.79 7.28 -0.18
CA PHE A 341 21.74 6.05 -0.98
C PHE A 341 20.29 5.64 -1.38
N ASN A 342 19.41 5.55 -0.38
CA ASN A 342 18.03 5.18 -0.66
C ASN A 342 17.33 6.25 -1.51
N ALA A 343 17.75 7.51 -1.35
CA ALA A 343 17.13 8.56 -2.13
C ALA A 343 17.47 8.36 -3.60
N LEU A 344 18.75 8.12 -3.88
CA LEU A 344 19.23 7.92 -5.27
C LEU A 344 18.61 6.70 -5.92
N GLY A 345 18.47 5.61 -5.17
CA GLY A 345 17.82 4.40 -5.67
C GLY A 345 16.39 4.67 -6.08
N GLY A 346 15.71 5.45 -5.25
CA GLY A 346 14.37 5.86 -5.52
C GLY A 346 14.26 6.72 -6.79
N TRP A 347 15.24 7.59 -7.03
CA TRP A 347 15.27 8.30 -8.30
C TRP A 347 15.38 7.28 -9.40
N GLY A 348 16.16 6.22 -9.17
CA GLY A 348 16.34 5.20 -10.20
C GLY A 348 15.04 4.43 -10.48
N GLU A 349 14.27 4.12 -9.43
CA GLU A 349 12.95 3.52 -9.64
C GLU A 349 12.04 4.47 -10.44
N LEU A 350 12.15 5.77 -10.17
CA LEU A 350 11.46 6.78 -10.98
C LEU A 350 11.80 6.72 -12.48
N GLN A 351 13.09 6.64 -12.80
CA GLN A 351 13.53 6.46 -14.20
C GLN A 351 12.85 5.24 -14.84
N ASN A 352 12.78 4.14 -14.10
CA ASN A 352 12.18 2.94 -14.62
C ASN A 352 10.72 3.13 -14.97
N SER A 353 9.96 3.76 -14.07
CA SER A 353 8.53 3.90 -14.28
C SER A 353 8.24 4.84 -15.42
N VAL A 354 8.90 5.99 -15.43
CA VAL A 354 8.74 6.89 -16.56
C VAL A 354 9.12 6.20 -17.91
N LYS A 355 10.20 5.42 -17.92
CA LYS A 355 10.59 4.69 -19.12
C LYS A 355 9.50 3.69 -19.54
N THR A 356 8.99 2.92 -18.58
CA THR A 356 7.90 1.99 -18.81
C THR A 356 6.62 2.67 -19.35
N PHE A 357 6.14 3.74 -18.72
CA PHE A 357 4.91 4.37 -19.18
C PHE A 357 5.17 5.21 -20.43
N GLY A 358 6.29 5.93 -20.45
CA GLY A 358 6.65 6.76 -21.59
C GLY A 358 6.67 8.19 -21.12
N GLU A 359 7.57 9.01 -21.62
CA GLU A 359 7.79 10.27 -20.95
C GLU A 359 6.65 11.31 -21.04
N THR A 360 5.67 11.11 -21.92
CA THR A 360 4.51 12.00 -22.01
C THR A 360 3.23 11.36 -21.41
N HIS A 361 3.33 10.16 -20.85
CA HIS A 361 2.12 9.50 -20.32
C HIS A 361 1.52 10.25 -19.11
N PRO A 362 0.19 10.42 -19.10
CA PRO A 362 -0.53 11.13 -18.07
C PRO A 362 -0.31 10.59 -16.63
N PHE A 363 -0.06 9.29 -16.49
CA PHE A 363 0.18 8.73 -15.16
C PHE A 363 1.57 9.07 -14.62
N THR A 364 2.38 9.78 -15.41
CA THR A 364 3.69 10.20 -14.92
C THR A 364 3.62 11.59 -14.37
N LYS A 365 2.42 12.14 -14.36
CA LYS A 365 2.16 13.43 -13.74
C LYS A 365 2.14 13.22 -12.23
N LEU A 366 2.65 14.20 -11.49
CA LEU A 366 2.55 14.15 -10.03
C LEU A 366 1.10 14.16 -9.59
N VAL A 367 0.36 15.19 -9.98
CA VAL A 367 -1.09 15.24 -9.80
C VAL A 367 -1.75 14.70 -11.05
N VAL A 368 -2.70 13.82 -10.86
CA VAL A 368 -3.26 13.07 -11.94
C VAL A 368 -4.76 13.34 -11.94
N ASP A 369 -5.42 13.28 -13.10
CA ASP A 369 -6.87 13.36 -13.13
C ASP A 369 -7.43 11.94 -13.24
N LEU A 370 -7.93 11.38 -12.13
CA LEU A 370 -8.39 9.98 -12.14
C LEU A 370 -9.84 9.70 -12.57
N THR A 371 -10.53 10.68 -13.20
CA THR A 371 -11.85 10.44 -13.81
C THR A 371 -11.75 9.29 -14.83
N ASP A 372 -12.67 8.32 -14.73
CA ASP A 372 -12.64 7.20 -15.70
C ASP A 372 -11.41 6.28 -15.59
N ILE A 373 -10.46 6.56 -14.69
CA ILE A 373 -9.33 5.64 -14.50
C ILE A 373 -9.45 4.85 -13.21
N ASP A 374 -9.35 3.52 -13.26
CA ASP A 374 -9.21 2.69 -12.07
C ASP A 374 -7.84 2.94 -11.35
N PRO A 375 -7.89 3.45 -10.10
CA PRO A 375 -6.64 3.74 -9.37
C PRO A 375 -5.70 2.53 -9.30
N ASP A 376 -6.22 1.30 -9.31
CA ASP A 376 -5.36 0.10 -9.39
C ASP A 376 -4.61 -0.01 -10.71
N VAL A 377 -5.21 0.49 -11.78
CA VAL A 377 -4.57 0.47 -13.09
C VAL A 377 -3.50 1.53 -13.17
N ALA A 378 -3.76 2.66 -12.48
CA ALA A 378 -2.83 3.79 -12.54
C ALA A 378 -1.67 3.68 -11.56
N TYR A 379 -1.84 2.90 -10.51
CA TYR A 379 -0.83 2.77 -9.47
C TYR A 379 0.60 2.52 -9.99
N SER A 380 1.54 3.37 -9.59
CA SER A 380 2.98 3.13 -9.84
C SER A 380 3.81 3.87 -8.80
N SER A 381 5.11 3.87 -9.03
CA SER A 381 6.10 4.54 -8.18
C SER A 381 6.09 6.03 -8.40
N VAL A 382 5.49 6.50 -9.48
CA VAL A 382 5.57 7.94 -9.78
C VAL A 382 5.16 8.82 -8.60
N PRO A 383 3.99 8.60 -8.03
CA PRO A 383 3.60 9.47 -6.92
C PRO A 383 4.53 9.35 -5.69
N TYR A 384 5.19 8.19 -5.56
CA TYR A 384 6.17 7.98 -4.50
C TYR A 384 7.46 8.74 -4.75
N GLU A 385 8.10 8.41 -5.85
CA GLU A 385 9.42 8.93 -6.06
C GLU A 385 9.43 10.35 -6.67
N LYS A 386 8.40 10.72 -7.44
CA LYS A 386 8.36 12.08 -7.96
C LYS A 386 8.01 13.03 -6.83
N GLY A 387 7.06 12.60 -6.00
CA GLY A 387 6.72 13.31 -4.77
C GLY A 387 7.95 13.41 -3.86
N PHE A 388 8.65 12.31 -3.65
CA PHE A 388 9.81 12.40 -2.77
C PHE A 388 10.81 13.37 -3.39
N ALA A 389 11.13 13.19 -4.66
CA ALA A 389 12.09 14.10 -5.30
C ALA A 389 11.69 15.57 -5.19
N LEU A 390 10.41 15.89 -5.19
CA LEU A 390 9.99 17.28 -5.02
C LEU A 390 10.38 17.83 -3.65
N LEU A 391 10.11 17.01 -2.63
CA LEU A 391 10.35 17.41 -1.29
C LEU A 391 11.84 17.48 -1.04
N PHE A 392 12.57 16.53 -1.63
CA PHE A 392 14.01 16.49 -1.48
C PHE A 392 14.61 17.71 -2.21
N TYR A 393 14.06 18.07 -3.36
CA TYR A 393 14.52 19.28 -4.07
C TYR A 393 14.21 20.55 -3.24
N LEU A 394 13.01 20.64 -2.68
CA LEU A 394 12.68 21.79 -1.82
C LEU A 394 13.55 21.80 -0.57
N GLU A 395 13.81 20.63 0.00
CA GLU A 395 14.72 20.57 1.12
C GLU A 395 16.05 21.29 0.81
N GLN A 396 16.61 21.01 -0.37
CA GLN A 396 17.94 21.53 -0.65
C GLN A 396 17.82 23.00 -0.97
N LEU A 397 16.67 23.39 -1.48
CA LEU A 397 16.44 24.74 -1.93
C LEU A 397 16.26 25.68 -0.74
N LEU A 398 15.71 25.15 0.36
CA LEU A 398 15.25 26.03 1.44
C LEU A 398 16.11 25.99 2.68
N GLY A 399 17.27 25.34 2.60
CA GLY A 399 18.23 25.39 3.70
C GLY A 399 18.54 24.07 4.42
N GLY A 400 18.24 22.94 3.80
CA GLY A 400 18.67 21.69 4.44
C GLY A 400 17.64 20.89 5.24
N PRO A 401 18.02 19.69 5.67
CA PRO A 401 17.00 18.77 6.22
C PRO A 401 16.37 19.32 7.51
N GLU A 402 17.16 19.96 8.38
CA GLU A 402 16.61 20.31 9.68
C GLU A 402 15.49 21.30 9.50
N ILE A 403 15.71 22.24 8.57
CA ILE A 403 14.74 23.28 8.27
C ILE A 403 13.48 22.70 7.61
N PHE A 404 13.64 21.80 6.65
CA PHE A 404 12.48 21.21 5.97
C PHE A 404 11.64 20.29 6.90
N LEU A 405 12.29 19.71 7.90
CA LEU A 405 11.60 18.83 8.84
C LEU A 405 10.75 19.67 9.81
N GLY A 406 11.22 20.87 10.12
CA GLY A 406 10.43 21.86 10.88
C GLY A 406 9.15 22.17 10.12
N PHE A 407 9.22 22.19 8.79
CA PHE A 407 8.02 22.40 7.96
C PHE A 407 7.14 21.16 7.94
N LEU A 408 7.76 19.99 7.83
CA LEU A 408 7.01 18.77 7.83
C LEU A 408 6.19 18.64 9.11
N LYS A 409 6.82 18.89 10.28
CA LYS A 409 6.12 18.81 11.56
C LYS A 409 4.96 19.81 11.64
N ALA A 410 5.20 21.03 11.19
CA ALA A 410 4.18 22.06 11.29
C ALA A 410 3.02 21.75 10.34
N TYR A 411 3.32 21.14 9.20
CA TYR A 411 2.31 20.70 8.24
C TYR A 411 1.41 19.60 8.82
N VAL A 412 2.02 18.61 9.47
CA VAL A 412 1.24 17.64 10.25
C VAL A 412 0.30 18.29 11.28
N GLU A 413 0.79 19.22 12.11
CA GLU A 413 -0.06 19.81 13.15
C GLU A 413 -1.20 20.53 12.52
N LYS A 414 -0.84 21.39 11.57
CA LYS A 414 -1.76 22.15 10.76
C LYS A 414 -2.93 21.37 10.16
N PHE A 415 -2.66 20.20 9.60
CA PHE A 415 -3.72 19.50 8.89
C PHE A 415 -4.13 18.17 9.51
N SER A 416 -3.68 17.97 10.74
CA SER A 416 -4.10 16.79 11.51
C SER A 416 -5.61 16.62 11.49
N TYR A 417 -6.07 15.42 11.17
CA TYR A 417 -7.52 15.10 11.10
C TYR A 417 -8.25 15.68 9.91
N LYS A 418 -7.54 16.39 9.02
CA LYS A 418 -8.19 16.96 7.84
C LYS A 418 -7.93 16.14 6.56
N SER A 419 -8.61 16.53 5.48
CA SER A 419 -8.28 15.98 4.17
C SER A 419 -7.90 17.14 3.28
N ILE A 420 -6.74 17.05 2.61
CA ILE A 420 -6.27 18.21 1.91
C ILE A 420 -5.89 17.96 0.44
N THR A 421 -5.78 19.07 -0.31
CA THR A 421 -5.43 19.02 -1.73
C THR A 421 -4.02 19.51 -1.90
N THR A 422 -3.46 19.27 -3.08
CA THR A 422 -2.17 19.86 -3.45
C THR A 422 -2.08 21.37 -3.22
N ASP A 423 -3.15 22.13 -3.49
CA ASP A 423 -3.12 23.57 -3.23
C ASP A 423 -3.08 23.88 -1.75
N ASP A 424 -3.85 23.15 -0.93
CA ASP A 424 -3.73 23.31 0.51
C ASP A 424 -2.30 23.09 0.93
N TRP A 425 -1.66 22.04 0.45
CA TRP A 425 -0.25 21.86 0.75
C TRP A 425 0.60 23.02 0.28
N LYS A 426 0.50 23.41 -0.99
CA LYS A 426 1.32 24.55 -1.53
C LYS A 426 1.15 25.90 -0.79
N ASP A 427 -0.06 26.19 -0.39
CA ASP A 427 -0.36 27.36 0.38
C ASP A 427 0.35 27.39 1.72
N PHE A 428 0.22 26.32 2.47
CA PHE A 428 0.93 26.25 3.69
C PHE A 428 2.46 26.32 3.51
N LEU A 429 2.99 25.72 2.42
CA LEU A 429 4.44 25.79 2.17
C LEU A 429 4.84 27.28 1.99
N TYR A 430 3.99 28.03 1.26
CA TYR A 430 4.26 29.46 1.00
C TYR A 430 4.15 30.28 2.29
N SER A 431 3.10 29.98 3.06
CA SER A 431 2.90 30.60 4.35
C SER A 431 4.07 30.32 5.27
N TYR A 432 4.43 29.04 5.47
CA TYR A 432 5.51 28.68 6.38
C TYR A 432 6.86 29.29 5.98
N PHE A 433 7.13 29.35 4.68
CA PHE A 433 8.40 29.86 4.22
C PHE A 433 8.26 31.26 3.63
N LYS A 434 7.32 32.09 4.10
CA LYS A 434 7.15 33.48 3.58
C LYS A 434 8.46 34.25 3.44
N ASP A 435 9.36 34.14 4.41
CA ASP A 435 10.70 34.77 4.27
C ASP A 435 11.58 34.22 3.16
N LYS A 436 11.06 33.28 2.37
CA LYS A 436 11.85 32.64 1.32
C LYS A 436 10.98 32.41 0.11
N VAL A 437 9.95 33.23 -0.04
CA VAL A 437 9.09 33.14 -1.19
C VAL A 437 9.87 33.40 -2.49
N ASP A 438 10.92 34.21 -2.42
CA ASP A 438 11.67 34.54 -3.63
C ASP A 438 12.25 33.26 -4.20
N VAL A 439 12.82 32.43 -3.33
CA VAL A 439 13.30 31.11 -3.73
C VAL A 439 12.16 30.19 -4.20
N LEU A 440 11.03 30.24 -3.52
CA LEU A 440 9.88 29.42 -3.88
C LEU A 440 9.36 29.78 -5.28
N ASN A 441 9.41 31.05 -5.64
CA ASN A 441 8.92 31.46 -6.99
C ASN A 441 9.84 31.07 -8.17
N GLN A 442 11.03 30.56 -7.86
CA GLN A 442 11.93 29.98 -8.86
C GLN A 442 11.61 28.52 -9.14
N VAL A 443 10.74 27.92 -8.34
CA VAL A 443 10.30 26.56 -8.62
C VAL A 443 9.38 26.56 -9.82
N ASP A 444 9.56 25.57 -10.69
CA ASP A 444 8.68 25.41 -11.84
C ASP A 444 7.46 24.57 -11.43
N TRP A 445 6.55 25.19 -10.68
CA TRP A 445 5.34 24.49 -10.16
C TRP A 445 4.54 23.75 -11.23
N ASN A 446 4.39 24.36 -12.39
CA ASN A 446 3.59 23.75 -13.38
C ASN A 446 4.18 22.46 -13.91
N ALA A 447 5.51 22.40 -13.97
CA ALA A 447 6.22 21.23 -14.45
C ALA A 447 6.22 20.16 -13.36
N TRP A 448 6.65 20.53 -12.15
CA TRP A 448 6.72 19.60 -11.03
C TRP A 448 5.37 18.97 -10.70
N LEU A 449 4.31 19.78 -10.59
CA LEU A 449 2.99 19.25 -10.29
C LEU A 449 2.20 18.64 -11.46
N TYR A 450 2.27 19.23 -12.66
CA TYR A 450 1.26 18.89 -13.71
C TYR A 450 1.78 18.40 -15.06
N SER A 451 3.11 18.29 -15.19
CA SER A 451 3.73 17.83 -16.43
C SER A 451 4.21 16.39 -16.33
N PRO A 452 4.09 15.63 -17.44
CA PRO A 452 4.55 14.25 -17.49
C PRO A 452 6.06 14.14 -17.49
N GLY A 453 6.57 12.95 -17.23
CA GLY A 453 7.98 12.72 -17.45
C GLY A 453 8.81 12.94 -16.20
N LEU A 454 10.13 12.86 -16.36
CA LEU A 454 11.04 13.11 -15.27
C LEU A 454 10.80 14.55 -14.75
N PRO A 455 11.08 14.79 -13.46
CA PRO A 455 11.03 16.15 -12.92
C PRO A 455 12.04 17.07 -13.67
N PRO A 456 11.80 18.39 -13.71
CA PRO A 456 12.70 19.29 -14.45
C PRO A 456 14.07 19.48 -13.80
N ILE A 457 14.19 19.14 -12.52
CA ILE A 457 15.44 19.33 -11.79
C ILE A 457 15.70 18.05 -11.02
N LYS A 458 16.91 17.52 -11.10
CA LYS A 458 17.30 16.37 -10.28
C LYS A 458 18.07 16.85 -9.05
N PRO A 459 17.63 16.49 -7.84
CA PRO A 459 18.37 16.90 -6.63
C PRO A 459 19.85 16.46 -6.62
N ASN A 460 20.57 16.92 -5.60
CA ASN A 460 21.94 16.50 -5.37
C ASN A 460 22.03 15.31 -4.42
N TYR A 461 22.72 14.25 -4.82
CA TYR A 461 22.84 13.08 -3.94
C TYR A 461 24.27 12.82 -3.54
N ASP A 462 24.53 12.56 -2.25
CA ASP A 462 25.82 11.93 -1.89
C ASP A 462 25.92 10.60 -2.63
N MET A 463 27.08 10.37 -3.24
CA MET A 463 27.37 9.18 -4.04
C MET A 463 28.09 8.06 -3.27
N THR A 464 28.50 8.33 -2.04
CA THR A 464 29.49 7.46 -1.37
C THR A 464 29.18 5.95 -1.47
N LEU A 465 28.00 5.52 -1.00
CA LEU A 465 27.61 4.08 -0.97
C LEU A 465 27.20 3.57 -2.34
N THR A 466 26.95 4.49 -3.26
CA THR A 466 26.44 4.14 -4.55
C THR A 466 27.58 3.82 -5.55
N ASN A 467 28.71 4.50 -5.44
CA ASN A 467 29.81 4.29 -6.38
C ASN A 467 30.22 2.85 -6.60
N ALA A 468 30.38 2.06 -5.52
CA ALA A 468 30.85 0.70 -5.71
C ALA A 468 29.85 -0.14 -6.52
N CYS A 469 28.59 0.28 -6.51
CA CYS A 469 27.56 -0.45 -7.18
C CYS A 469 27.57 -0.06 -8.63
N ILE A 470 27.64 1.22 -8.89
CA ILE A 470 27.73 1.66 -10.30
C ILE A 470 29.01 1.11 -10.94
N ALA A 471 30.11 1.09 -10.19
CA ALA A 471 31.36 0.58 -10.75
C ALA A 471 31.29 -0.88 -11.08
N LEU A 472 30.76 -1.74 -10.20
CA LEU A 472 30.70 -3.18 -10.57
C LEU A 472 29.78 -3.40 -11.78
N SER A 473 28.70 -2.65 -11.84
CA SER A 473 27.73 -2.82 -12.88
C SER A 473 28.32 -2.43 -14.24
N GLN A 474 29.08 -1.35 -14.24
CA GLN A 474 29.79 -0.90 -15.43
C GLN A 474 30.87 -1.90 -15.86
N ARG A 475 31.57 -2.55 -14.93
CA ARG A 475 32.52 -3.60 -15.34
C ARG A 475 31.75 -4.70 -16.05
N TRP A 476 30.58 -5.05 -15.54
CA TRP A 476 29.88 -6.19 -16.14
C TRP A 476 29.34 -5.83 -17.52
N ILE A 477 28.83 -4.61 -17.69
CA ILE A 477 28.23 -4.20 -18.94
C ILE A 477 29.30 -4.04 -20.04
N THR A 478 30.45 -3.42 -19.69
CA THR A 478 31.57 -3.22 -20.65
C THR A 478 32.47 -4.45 -20.81
N ALA A 479 32.23 -5.50 -20.01
CA ALA A 479 33.03 -6.71 -20.18
C ALA A 479 32.78 -7.39 -21.51
N LYS A 480 33.87 -7.85 -22.13
CA LYS A 480 33.77 -8.77 -23.25
C LYS A 480 34.00 -10.19 -22.76
N GLU A 481 33.86 -11.16 -23.64
CA GLU A 481 34.07 -12.54 -23.26
C GLU A 481 35.44 -12.74 -22.58
N ASP A 482 36.48 -12.11 -23.09
CA ASP A 482 37.80 -12.36 -22.50
C ASP A 482 38.07 -11.66 -21.13
N ASP A 483 37.07 -10.95 -20.60
CA ASP A 483 37.09 -10.28 -19.29
C ASP A 483 36.30 -11.08 -18.20
N LEU A 484 35.49 -12.05 -18.61
CA LEU A 484 34.61 -12.76 -17.69
C LEU A 484 35.38 -13.49 -16.59
N ASN A 485 36.55 -14.05 -16.92
CA ASN A 485 37.46 -14.71 -16.01
C ASN A 485 37.85 -13.87 -14.78
N SER A 486 37.88 -12.55 -14.92
CA SER A 486 38.38 -11.71 -13.83
C SER A 486 37.35 -11.44 -12.72
N PHE A 487 36.10 -11.83 -12.96
CA PHE A 487 35.11 -11.70 -11.93
C PHE A 487 35.23 -12.84 -10.96
N ASN A 488 35.12 -12.48 -9.68
CA ASN A 488 35.27 -13.44 -8.62
C ASN A 488 34.29 -13.13 -7.48
N ALA A 489 33.97 -14.15 -6.70
CA ALA A 489 33.14 -14.01 -5.52
C ALA A 489 33.57 -12.82 -4.65
N THR A 490 34.85 -12.47 -4.66
CA THR A 490 35.36 -11.39 -3.79
C THR A 490 34.94 -10.02 -4.26
N ASP A 491 34.41 -9.92 -5.48
CA ASP A 491 33.88 -8.60 -5.93
C ASP A 491 32.78 -8.08 -4.98
N LEU A 492 32.12 -9.00 -4.28
CA LEU A 492 30.94 -8.69 -3.45
C LEU A 492 31.28 -8.58 -1.97
N LYS A 493 32.53 -8.90 -1.64
CA LYS A 493 33.11 -8.89 -0.31
C LYS A 493 32.61 -7.79 0.59
N ASP A 494 32.54 -6.57 0.06
CA ASP A 494 32.29 -5.38 0.85
C ASP A 494 30.94 -4.74 0.57
N LEU A 495 30.05 -5.46 -0.10
CA LEU A 495 28.74 -4.87 -0.41
C LEU A 495 27.70 -5.32 0.59
N SER A 496 26.91 -4.38 1.07
CA SER A 496 25.78 -4.73 1.91
C SER A 496 24.72 -5.37 1.00
N SER A 497 23.71 -5.99 1.59
CA SER A 497 22.65 -6.56 0.77
C SER A 497 21.94 -5.46 -0.03
N HIS A 498 21.84 -4.28 0.55
CA HIS A 498 21.30 -3.16 -0.21
C HIS A 498 22.21 -2.79 -1.42
N GLN A 499 23.52 -2.78 -1.23
CA GLN A 499 24.39 -2.46 -2.39
C GLN A 499 24.31 -3.54 -3.50
N LEU A 500 24.08 -4.80 -3.10
CA LEU A 500 23.92 -5.90 -4.04
C LEU A 500 22.64 -5.70 -4.83
N ASN A 501 21.59 -5.32 -4.12
CA ASN A 501 20.36 -4.91 -4.73
C ASN A 501 20.53 -3.77 -5.70
N GLU A 502 21.25 -2.73 -5.30
CA GLU A 502 21.46 -1.59 -6.19
C GLU A 502 22.40 -1.99 -7.31
N PHE A 503 23.31 -2.92 -7.05
CA PHE A 503 24.12 -3.41 -8.13
C PHE A 503 23.23 -4.05 -9.20
N LEU A 504 22.26 -4.87 -8.79
CA LEU A 504 21.35 -5.53 -9.75
C LEU A 504 20.42 -4.58 -10.50
N ALA A 505 19.92 -3.54 -9.81
CA ALA A 505 19.07 -2.53 -10.43
C ALA A 505 19.79 -1.74 -11.51
N GLN A 506 21.01 -1.31 -11.25
CA GLN A 506 21.89 -0.71 -12.27
C GLN A 506 21.97 -1.60 -13.50
N THR A 507 22.23 -2.89 -13.27
CA THR A 507 22.48 -3.80 -14.35
C THR A 507 21.14 -4.12 -15.07
N LEU A 508 20.05 -4.24 -14.28
CA LEU A 508 18.77 -4.53 -14.87
C LEU A 508 18.34 -3.40 -15.81
N GLN A 509 18.74 -2.16 -15.49
CA GLN A 509 18.44 -1.04 -16.35
C GLN A 509 18.98 -1.13 -17.77
N ARG A 510 20.11 -1.82 -17.95
CA ARG A 510 20.73 -1.99 -19.26
C ARG A 510 20.49 -3.37 -19.89
N ALA A 511 19.60 -4.16 -19.28
CA ALA A 511 19.26 -5.50 -19.71
C ALA A 511 18.57 -5.40 -21.06
N PRO A 512 18.84 -6.38 -21.95
CA PRO A 512 19.62 -7.60 -21.68
C PRO A 512 21.11 -7.40 -21.70
N LEU A 513 21.84 -8.27 -20.97
CA LEU A 513 23.25 -8.55 -21.20
C LEU A 513 23.39 -9.89 -21.95
N PRO A 514 24.60 -10.17 -22.46
CA PRO A 514 24.75 -11.47 -23.18
C PRO A 514 24.54 -12.62 -22.22
N LEU A 515 24.02 -13.72 -22.73
CA LEU A 515 23.70 -14.84 -21.88
C LEU A 515 24.96 -15.30 -21.17
N GLY A 516 26.09 -15.33 -21.89
CA GLY A 516 27.36 -15.75 -21.29
C GLY A 516 27.68 -14.97 -20.00
N HIS A 517 27.49 -13.65 -20.03
CA HIS A 517 27.74 -12.81 -18.87
C HIS A 517 26.86 -13.26 -17.68
N ILE A 518 25.54 -13.29 -17.87
CA ILE A 518 24.66 -13.84 -16.85
C ILE A 518 25.08 -15.21 -16.24
N LYS A 519 25.45 -16.17 -17.08
CA LYS A 519 25.85 -17.49 -16.60
C LYS A 519 27.08 -17.37 -15.73
N ARG A 520 27.98 -16.46 -16.10
CA ARG A 520 29.21 -16.32 -15.34
C ARG A 520 28.89 -15.70 -14.00
N MET A 521 27.92 -14.78 -14.02
CA MET A 521 27.48 -14.10 -12.83
C MET A 521 26.90 -15.10 -11.85
N GLN A 522 26.10 -16.03 -12.34
CA GLN A 522 25.65 -17.09 -11.48
C GLN A 522 26.83 -17.94 -10.99
N GLU A 523 27.75 -18.30 -11.89
CA GLU A 523 28.92 -19.09 -11.54
C GLU A 523 29.75 -18.48 -10.37
N VAL A 524 29.95 -17.17 -10.38
CA VAL A 524 30.88 -16.55 -9.45
C VAL A 524 30.19 -15.88 -8.24
N TYR A 525 28.91 -15.52 -8.37
CA TYR A 525 28.23 -14.80 -7.34
C TYR A 525 27.15 -15.65 -6.71
N ASN A 526 26.79 -16.75 -7.37
CA ASN A 526 25.74 -17.67 -6.89
C ASN A 526 24.50 -16.94 -6.35
N PHE A 527 24.03 -15.96 -7.13
CA PHE A 527 22.78 -15.29 -6.83
C PHE A 527 21.57 -16.23 -6.76
N ASN A 528 21.67 -17.42 -7.33
CA ASN A 528 20.53 -18.33 -7.20
C ASN A 528 20.26 -18.69 -5.73
N ALA A 529 21.28 -18.66 -4.90
CA ALA A 529 21.11 -19.10 -3.51
C ALA A 529 20.52 -18.02 -2.59
N ILE A 530 20.54 -16.77 -3.02
CA ILE A 530 20.18 -15.67 -2.14
C ILE A 530 18.67 -15.65 -1.97
N ASN A 531 18.18 -15.47 -0.75
CA ASN A 531 16.72 -15.52 -0.54
C ASN A 531 16.08 -14.20 -0.18
N ASN A 532 16.89 -13.15 -0.06
CA ASN A 532 16.37 -11.80 0.05
C ASN A 532 15.42 -11.57 -1.16
N SER A 533 14.14 -11.30 -0.91
CA SER A 533 13.17 -11.21 -2.02
C SER A 533 13.47 -10.09 -3.07
N GLU A 534 13.90 -8.92 -2.60
CA GLU A 534 14.25 -7.83 -3.53
C GLU A 534 15.41 -8.23 -4.46
N ILE A 535 16.47 -8.79 -3.88
CA ILE A 535 17.63 -9.14 -4.68
C ILE A 535 17.21 -10.24 -5.66
N ARG A 536 16.52 -11.26 -5.15
CA ARG A 536 16.22 -12.41 -5.95
C ARG A 536 15.32 -11.98 -7.10
N PHE A 537 14.33 -11.16 -6.79
CA PHE A 537 13.46 -10.59 -7.78
C PHE A 537 14.25 -9.96 -8.92
N ARG A 538 15.13 -8.98 -8.64
CA ARG A 538 15.89 -8.30 -9.71
C ARG A 538 16.82 -9.26 -10.52
N TRP A 539 17.46 -10.19 -9.83
CA TRP A 539 18.29 -11.20 -10.45
C TRP A 539 17.47 -12.08 -11.38
N LEU A 540 16.27 -12.49 -10.98
CA LEU A 540 15.44 -13.33 -11.90
C LEU A 540 14.99 -12.52 -13.11
N ARG A 541 14.68 -11.24 -12.91
CA ARG A 541 14.36 -10.38 -14.04
C ARG A 541 15.57 -10.28 -14.95
N LEU A 542 16.75 -10.01 -14.40
CA LEU A 542 17.95 -9.84 -15.25
C LEU A 542 18.14 -11.13 -16.07
N CYS A 543 17.91 -12.29 -15.44
CA CYS A 543 18.07 -13.59 -16.09
C CYS A 543 17.07 -13.84 -17.21
N ILE A 544 15.79 -13.59 -16.92
CA ILE A 544 14.71 -13.80 -17.91
C ILE A 544 14.82 -12.82 -19.11
N GLN A 545 15.07 -11.53 -18.84
CA GLN A 545 15.27 -10.57 -19.95
C GLN A 545 16.55 -10.84 -20.76
N SER A 546 17.52 -11.53 -20.17
CA SER A 546 18.72 -11.86 -20.89
C SER A 546 18.54 -13.25 -21.50
N LYS A 547 17.34 -13.84 -21.34
CA LYS A 547 16.90 -15.05 -22.02
C LYS A 547 17.57 -16.34 -21.55
N TRP A 548 17.68 -16.55 -20.23
CA TRP A 548 18.33 -17.75 -19.68
C TRP A 548 17.31 -18.79 -19.24
N GLU A 549 17.15 -19.81 -20.06
CA GLU A 549 16.12 -20.83 -19.90
C GLU A 549 16.10 -21.45 -18.50
N ASP A 550 17.29 -21.59 -17.89
CA ASP A 550 17.37 -22.15 -16.51
C ASP A 550 16.55 -21.34 -15.49
N ALA A 551 16.30 -20.06 -15.74
CA ALA A 551 15.66 -19.22 -14.74
C ALA A 551 14.13 -19.24 -14.87
N ILE A 552 13.64 -19.75 -16.00
CA ILE A 552 12.22 -19.91 -16.24
C ILE A 552 11.48 -20.59 -15.09
N PRO A 553 11.87 -21.82 -14.70
CA PRO A 553 11.20 -22.38 -13.47
C PRO A 553 11.39 -21.56 -12.18
N LEU A 554 12.57 -20.96 -11.97
CA LEU A 554 12.79 -20.13 -10.75
C LEU A 554 11.86 -18.91 -10.77
N ALA A 555 11.71 -18.30 -11.96
CA ALA A 555 10.83 -17.13 -12.05
C ALA A 555 9.34 -17.50 -11.91
N LEU A 556 8.94 -18.67 -12.47
CA LEU A 556 7.54 -19.09 -12.38
C LEU A 556 7.19 -19.36 -10.92
N LYS A 557 8.12 -20.03 -10.24
CA LYS A 557 7.97 -20.40 -8.84
C LYS A 557 7.83 -19.15 -7.91
N MET A 558 8.73 -18.18 -8.03
CA MET A 558 8.60 -16.95 -7.24
C MET A 558 7.32 -16.18 -7.54
N ALA A 559 6.91 -16.17 -8.80
CA ALA A 559 5.76 -15.35 -9.22
C ALA A 559 4.46 -15.84 -8.59
N THR A 560 4.38 -17.16 -8.41
CA THR A 560 3.16 -17.79 -7.91
C THR A 560 3.23 -18.13 -6.43
N GLU A 561 4.41 -18.44 -5.88
CA GLU A 561 4.47 -18.77 -4.44
C GLU A 561 4.28 -17.54 -3.51
N GLN A 562 4.46 -16.33 -4.02
CA GLN A 562 4.01 -15.17 -3.28
C GLN A 562 3.23 -14.29 -4.25
N GLY A 563 2.51 -13.31 -3.73
CA GLY A 563 1.72 -12.47 -4.63
C GLY A 563 1.94 -10.98 -4.46
N ARG A 564 3.05 -10.58 -3.84
CA ARG A 564 3.34 -9.15 -3.73
C ARG A 564 3.41 -8.62 -5.15
N MET A 565 2.48 -7.75 -5.53
CA MET A 565 2.35 -7.26 -6.89
C MET A 565 3.62 -6.67 -7.49
N LYS A 566 4.41 -5.98 -6.67
CA LYS A 566 5.72 -5.43 -7.06
C LYS A 566 6.60 -6.51 -7.72
N PHE A 567 6.48 -7.75 -7.23
CA PHE A 567 7.29 -8.86 -7.76
C PHE A 567 6.50 -9.70 -8.83
N THR A 568 5.29 -10.12 -8.47
CA THR A 568 4.52 -11.03 -9.27
C THR A 568 4.17 -10.47 -10.64
N ARG A 569 3.77 -9.21 -10.71
CA ARG A 569 3.50 -8.57 -12.01
C ARG A 569 4.66 -8.52 -12.99
N PRO A 570 5.77 -7.84 -12.62
CA PRO A 570 6.85 -7.78 -13.60
C PRO A 570 7.42 -9.16 -13.90
N LEU A 571 7.36 -10.08 -12.95
CA LEU A 571 7.88 -11.43 -13.26
C LEU A 571 7.06 -12.11 -14.37
N PHE A 572 5.74 -12.11 -14.21
CA PHE A 572 4.84 -12.64 -15.24
C PHE A 572 5.03 -11.92 -16.56
N LYS A 573 5.10 -10.58 -16.52
CA LYS A 573 5.31 -9.78 -17.74
C LYS A 573 6.59 -10.22 -18.42
N ASP A 574 7.72 -10.20 -17.70
CA ASP A 574 8.99 -10.65 -18.27
C ASP A 574 8.90 -12.04 -18.92
N LEU A 575 8.38 -12.98 -18.14
CA LEU A 575 8.11 -14.34 -18.60
C LEU A 575 7.26 -14.41 -19.86
N ALA A 576 6.27 -13.54 -19.95
CA ALA A 576 5.43 -13.53 -21.14
C ALA A 576 6.15 -12.95 -22.35
N ALA A 577 7.18 -12.15 -22.11
CA ALA A 577 7.82 -11.46 -23.23
C ALA A 577 9.00 -12.30 -23.72
N PHE A 578 9.25 -13.40 -23.04
CA PHE A 578 10.36 -14.29 -23.39
C PHE A 578 9.71 -15.47 -24.12
N ASP A 579 10.03 -15.64 -25.41
CA ASP A 579 9.28 -16.59 -26.22
C ASP A 579 9.30 -17.99 -25.68
N LYS A 580 10.42 -18.43 -25.15
CA LYS A 580 10.50 -19.76 -24.54
C LYS A 580 9.59 -19.99 -23.32
N SER A 581 9.16 -18.92 -22.66
CA SER A 581 8.38 -19.05 -21.45
C SER A 581 6.97 -18.49 -21.64
N HIS A 582 6.73 -17.82 -22.75
CA HIS A 582 5.43 -17.21 -22.99
C HIS A 582 4.27 -18.13 -22.71
N ASP A 583 4.24 -19.30 -23.35
CA ASP A 583 3.12 -20.18 -23.14
C ASP A 583 3.00 -20.63 -21.68
N GLN A 584 4.10 -20.94 -21.00
CA GLN A 584 3.95 -21.40 -19.61
C GLN A 584 3.51 -20.26 -18.70
N ALA A 585 3.87 -19.02 -19.07
CA ALA A 585 3.41 -17.87 -18.28
C ALA A 585 1.90 -17.78 -18.32
N VAL A 586 1.29 -17.77 -19.51
CA VAL A 586 -0.16 -17.64 -19.59
C VAL A 586 -0.84 -18.87 -19.03
N ARG A 587 -0.28 -20.05 -19.27
CA ARG A 587 -0.81 -21.27 -18.68
C ARG A 587 -0.82 -21.17 -17.13
N THR A 588 0.30 -20.75 -16.57
CA THR A 588 0.44 -20.70 -15.09
C THR A 588 -0.52 -19.71 -14.45
N TYR A 589 -0.62 -18.53 -15.07
CA TYR A 589 -1.60 -17.54 -14.64
C TYR A 589 -3.00 -18.19 -14.67
N GLN A 590 -3.35 -18.80 -15.79
CA GLN A 590 -4.70 -19.38 -15.91
C GLN A 590 -4.94 -20.48 -14.88
N GLU A 591 -3.94 -21.31 -14.55
CA GLU A 591 -4.13 -22.30 -13.47
C GLU A 591 -4.30 -21.69 -12.09
N HIS A 592 -3.67 -20.54 -11.85
CA HIS A 592 -3.64 -19.97 -10.51
C HIS A 592 -4.68 -18.87 -10.26
N LYS A 593 -5.20 -18.32 -11.35
CA LYS A 593 -6.06 -17.13 -11.34
C LYS A 593 -7.17 -17.23 -10.30
N ALA A 594 -7.89 -18.36 -10.26
CA ALA A 594 -9.06 -18.51 -9.36
C ALA A 594 -8.69 -18.27 -7.88
N SER A 595 -7.51 -18.74 -7.49
CA SER A 595 -7.09 -18.71 -6.09
C SER A 595 -6.09 -17.56 -5.83
N MET A 596 -6.04 -16.59 -6.76
CA MET A 596 -5.25 -15.39 -6.60
C MET A 596 -6.05 -14.25 -5.96
N HIS A 597 -5.36 -13.30 -5.32
CA HIS A 597 -5.99 -12.06 -4.91
C HIS A 597 -6.68 -11.43 -6.11
N PRO A 598 -7.93 -11.00 -5.92
CA PRO A 598 -8.71 -10.55 -7.09
C PRO A 598 -8.15 -9.31 -7.78
N VAL A 599 -7.40 -8.48 -7.08
CA VAL A 599 -6.89 -7.29 -7.69
C VAL A 599 -5.62 -7.71 -8.49
N THR A 600 -4.82 -8.57 -7.90
CA THR A 600 -3.66 -9.08 -8.58
C THR A 600 -4.09 -9.85 -9.82
N ALA A 601 -5.17 -10.59 -9.69
CA ALA A 601 -5.62 -11.48 -10.72
C ALA A 601 -5.99 -10.60 -11.86
N MET A 602 -6.68 -9.50 -11.53
CA MET A 602 -7.15 -8.62 -12.59
C MET A 602 -5.94 -7.97 -13.27
N LEU A 603 -4.98 -7.48 -12.50
CA LEU A 603 -3.86 -6.74 -13.09
C LEU A 603 -2.91 -7.64 -13.90
N VAL A 604 -2.60 -8.84 -13.36
CA VAL A 604 -1.77 -9.79 -14.08
C VAL A 604 -2.44 -10.17 -15.40
N GLY A 605 -3.73 -10.53 -15.34
CA GLY A 605 -4.59 -10.66 -16.54
C GLY A 605 -4.49 -9.56 -17.58
N LYS A 606 -4.60 -8.31 -17.17
CA LYS A 606 -4.40 -7.22 -18.12
C LYS A 606 -2.96 -7.16 -18.67
N ASP A 607 -1.96 -7.23 -17.79
CA ASP A 607 -0.57 -7.21 -18.26
C ASP A 607 -0.27 -8.34 -19.27
N LEU A 608 -0.90 -9.50 -19.09
CA LEU A 608 -0.73 -10.65 -19.97
C LEU A 608 -1.64 -10.66 -21.24
N LYS A 609 -2.59 -9.71 -21.33
CA LYS A 609 -3.64 -9.73 -22.34
C LYS A 609 -4.39 -11.04 -22.38
N VAL A 610 -4.82 -11.52 -21.22
CA VAL A 610 -5.66 -12.72 -21.12
C VAL A 610 -7.05 -12.44 -20.56
N ASP A 611 -8.02 -13.25 -21.00
CA ASP A 611 -9.48 -12.99 -20.95
C ASP A 611 -10.01 -11.87 -21.92
ZN ZN B . 2.74 4.31 1.53
YB YB C . 39.46 -7.97 -24.50
YB YB D . -1.12 31.69 -0.39
YB YB E . -13.31 -1.95 26.95
C8 11S F . -0.47 9.10 -9.83
C9 11S F . -0.80 7.74 -9.78
C1 11S F . -3.01 8.98 -7.19
C2 11S F . -3.66 7.84 -6.74
C3 11S F . -3.40 6.59 -7.27
C4 11S F . -2.48 6.44 -8.31
C5 11S F . -1.80 7.59 -8.77
C6 11S F . -2.07 8.84 -8.21
CL10 11S F . -4.40 5.33 -6.48
N7 11S F . -1.26 9.73 -8.88
N2 BES G . -0.53 2.30 1.41
C1 BES G . 0.59 1.80 0.60
C6 BES G . 0.22 0.58 -0.24
C7 BES G . -1.00 0.84 -1.12
C8 BES G . -2.04 -0.12 -1.18
C12 BES G . -1.14 1.99 -1.92
C9 BES G . -3.20 0.07 -1.98
C11 BES G . -2.28 2.16 -2.74
C10 BES G . -3.33 1.20 -2.78
C2 BES G . 1.79 1.44 1.49
O2 BES G . 2.02 2.43 2.50
C3 BES G . 2.98 1.30 0.59
O3 BES G . 3.25 2.16 -0.21
N1 BES G . 3.74 0.20 0.68
C4 BES G . 4.90 0.03 -0.22
C13 BES G . 6.20 0.09 0.61
C14 BES G . 6.88 1.46 0.63
C15 BES G . 7.15 1.96 -0.79
C16 BES G . 8.22 1.43 1.39
C5 BES G . 4.73 -1.30 -0.91
O1 BES G . 3.74 -2.00 -0.58
O4 BES G . 5.55 -1.67 -1.77
N1 IMD H . 16.41 1.42 -9.52
C2 IMD H . 17.29 1.58 -8.51
N3 IMD H . 18.51 1.95 -9.02
C4 IMD H . 18.39 2.02 -10.36
C5 IMD H . 17.07 1.67 -10.67
#